data_6M4Y
#
_entry.id   6M4Y
#
_cell.length_a   98.440
_cell.length_b   98.440
_cell.length_c   121.700
_cell.angle_alpha   90.000
_cell.angle_beta   90.000
_cell.angle_gamma   90.000
#
_symmetry.space_group_name_H-M   'P 43 21 2'
#
loop_
_entity.id
_entity.type
_entity.pdbx_description
1 polymer 'L-tyrosine/L-aspartate decarboxylase'
2 non-polymer 'SULFATE ION'
3 non-polymer GLYCEROL
4 water water
#
_entity_poly.entity_id   1
_entity_poly.type   'polypeptide(L)'
_entity_poly.pdbx_seq_one_letter_code
;MGSDKIHHHHHHENLYFQGMRNMQEKGVSEKEILEELKKYRSLDLKYEDGNIFGSMCSNVLPITRKIVDIFLETNLGDPG
LFKGTKLLEEKAVALLGSLLNNKDAYGHIVSGGTEANLMALRCIKNIWREKRRKGLSKNEHPKIIVPITAHFSFEKGREM
MDLEYIYAPIKEDYTIDEKFVKDAVEDYDVDGIIGIAGTTELGTIDNIEELSKIAKENNIYIHVDAAFGGLVIPFLDDKY
KKKGVNYKFDFSLGVDSITIDPH(LLP)MGHCPIPSGGILFKDIGYKRYLDVDAPYLTETRQATILGTRVGFGGACTYAV
LRYLGREGQRKIVNECMENTLYLYKKLKENNFKPVIEPILNIVAIEDEDYKEVCKKLRDRGIYVSVCNCVKALAIVVMPH
IKREHIDNFIEILNSIKRD
;
_entity_poly.pdbx_strand_id   A
#
# COMPACT_ATOMS: atom_id res chain seq x y z
N ASN A 22 5.09 28.98 23.28
CA ASN A 22 5.41 30.28 22.70
C ASN A 22 6.86 30.33 22.24
N MET A 23 7.08 31.05 21.17
CA MET A 23 8.44 31.27 20.68
C MET A 23 9.20 32.11 21.70
N GLN A 24 10.43 31.70 22.01
CA GLN A 24 11.25 32.37 23.02
C GLN A 24 12.45 33.07 22.38
N GLU A 25 12.92 34.12 23.07
CA GLU A 25 14.10 34.84 22.62
C GLU A 25 15.35 33.98 22.73
N LYS A 26 15.55 33.32 23.86
CA LYS A 26 16.77 32.59 24.13
C LYS A 26 16.60 31.14 23.69
N GLY A 27 17.66 30.56 23.14
CA GLY A 27 17.67 29.15 22.81
C GLY A 27 17.80 28.33 24.07
N VAL A 28 17.74 27.01 23.90
CA VAL A 28 17.98 26.06 24.99
C VAL A 28 19.12 25.16 24.57
N SER A 29 19.60 24.36 25.53
CA SER A 29 20.71 23.46 25.24
C SER A 29 20.22 22.24 24.47
N GLU A 30 21.15 21.59 23.77
CA GLU A 30 20.81 20.32 23.13
C GLU A 30 20.31 19.28 24.14
N LYS A 31 20.90 19.25 25.34
CA LYS A 31 20.45 18.26 26.32
C LYS A 31 19.01 18.56 26.75
N GLU A 32 18.67 19.82 26.93
CA GLU A 32 17.30 20.13 27.33
C GLU A 32 16.31 19.67 26.27
N ILE A 33 16.55 20.04 25.02
CA ILE A 33 15.52 19.79 24.01
C ILE A 33 15.43 18.30 23.69
N LEU A 34 16.57 17.61 23.61
CA LEU A 34 16.54 16.16 23.39
C LEU A 34 15.81 15.42 24.53
N GLU A 35 16.08 15.80 25.78
CA GLU A 35 15.37 15.13 26.88
C GLU A 35 13.88 15.39 26.80
N GLU A 36 13.48 16.60 26.45
CA GLU A 36 12.07 16.86 26.25
C GLU A 36 11.50 15.96 25.12
N LEU A 37 12.18 15.92 23.97
CA LEU A 37 11.66 15.10 22.88
C LEU A 37 11.55 13.63 23.30
N LYS A 38 12.55 13.12 24.04
CA LYS A 38 12.51 11.72 24.47
C LYS A 38 11.32 11.47 25.39
N LYS A 39 10.99 12.41 26.27
CA LYS A 39 9.76 12.29 27.07
C LYS A 39 8.55 12.13 26.16
N TYR A 40 8.45 12.96 25.13
CA TYR A 40 7.32 12.83 24.22
C TYR A 40 7.37 11.48 23.51
N ARG A 41 8.57 11.08 23.05
CA ARG A 41 8.70 9.76 22.41
C ARG A 41 8.24 8.64 23.35
N SER A 42 8.52 8.76 24.66
N SER A 42 8.52 8.76 24.65
CA SER A 42 8.12 7.73 25.61
CA SER A 42 8.11 7.72 25.59
C SER A 42 6.61 7.57 25.66
C SER A 42 6.59 7.54 25.60
N LEU A 43 5.84 8.60 25.31
CA LEU A 43 4.39 8.46 25.23
C LEU A 43 3.92 7.69 23.99
N ASP A 44 4.76 7.58 22.96
CA ASP A 44 4.39 6.79 21.78
C ASP A 44 4.43 5.29 22.10
N LEU A 45 3.62 4.53 21.37
CA LEU A 45 3.90 3.11 21.26
C LEU A 45 5.15 2.88 20.41
N LYS A 46 5.72 1.68 20.54
CA LYS A 46 6.84 1.24 19.70
C LYS A 46 6.48 -0.10 19.09
N TYR A 47 6.81 -0.27 17.81
CA TYR A 47 6.40 -1.45 17.06
C TYR A 47 6.80 -2.72 17.79
N GLU A 48 7.95 -2.72 18.42
CA GLU A 48 8.52 -3.95 18.95
C GLU A 48 7.98 -4.31 20.33
N ASP A 49 7.04 -3.55 20.89
CA ASP A 49 6.59 -3.80 22.25
C ASP A 49 5.32 -4.65 22.35
N GLY A 50 4.78 -5.15 21.26
CA GLY A 50 3.59 -6.00 21.35
C GLY A 50 2.29 -5.26 21.56
N ASN A 51 2.25 -3.98 21.23
CA ASN A 51 1.01 -3.24 21.33
C ASN A 51 0.34 -3.05 19.99
N ILE A 52 1.12 -2.83 18.92
CA ILE A 52 0.60 -2.40 17.64
C ILE A 52 0.25 -3.63 16.82
N PHE A 53 -1.05 -3.82 16.57
CA PHE A 53 -1.52 -4.96 15.81
C PHE A 53 -2.21 -4.57 14.52
N GLY A 54 -2.51 -3.28 14.31
CA GLY A 54 -3.35 -2.89 13.19
C GLY A 54 -2.71 -2.02 12.13
N SER A 55 -1.38 -1.93 12.13
CA SER A 55 -0.64 -1.04 11.23
C SER A 55 0.09 -1.82 10.15
N MET A 56 0.21 -1.22 8.96
CA MET A 56 0.99 -1.79 7.87
C MET A 56 2.41 -1.25 7.80
N CYS A 57 2.82 -0.42 8.76
CA CYS A 57 4.21 -0.08 8.95
C CYS A 57 4.78 -0.89 10.11
N SER A 58 6.10 -1.00 10.16
CA SER A 58 6.75 -1.72 11.24
C SER A 58 8.16 -1.18 11.43
N ASN A 59 8.96 -1.90 12.21
CA ASN A 59 10.37 -1.53 12.39
C ASN A 59 11.07 -1.50 11.03
N VAL A 60 11.93 -0.51 10.83
CA VAL A 60 12.70 -0.46 9.60
C VAL A 60 13.88 -1.42 9.71
N LEU A 61 14.35 -1.89 8.56
CA LEU A 61 15.60 -2.64 8.54
C LEU A 61 16.73 -1.76 9.08
N PRO A 62 17.50 -2.23 10.07
CA PRO A 62 18.42 -1.30 10.76
C PRO A 62 19.41 -0.63 9.85
N ILE A 63 19.81 -1.30 8.76
CA ILE A 63 20.74 -0.67 7.84
C ILE A 63 20.20 0.65 7.31
N THR A 64 18.87 0.83 7.28
CA THR A 64 18.34 2.05 6.67
C THR A 64 18.61 3.28 7.53
N ARG A 65 18.87 3.12 8.83
CA ARG A 65 19.21 4.28 9.65
C ARG A 65 20.50 4.93 9.18
N LYS A 66 21.50 4.13 8.81
CA LYS A 66 22.72 4.68 8.24
C LYS A 66 22.46 5.33 6.90
N ILE A 67 21.55 4.73 6.10
CA ILE A 67 21.30 5.26 4.77
C ILE A 67 20.58 6.59 4.89
N VAL A 68 19.57 6.66 5.77
CA VAL A 68 18.90 7.94 5.99
C VAL A 68 19.94 9.01 6.35
N ASP A 69 20.90 8.65 7.19
CA ASP A 69 21.90 9.63 7.58
C ASP A 69 22.72 10.07 6.39
N ILE A 70 23.21 9.10 5.60
CA ILE A 70 24.05 9.44 4.46
C ILE A 70 23.29 10.35 3.49
N PHE A 71 21.99 10.09 3.28
CA PHE A 71 21.23 10.77 2.24
C PHE A 71 20.28 11.82 2.78
N LEU A 72 20.42 12.20 4.05
CA LEU A 72 19.49 13.14 4.66
C LEU A 72 19.49 14.47 3.93
N GLU A 73 20.66 14.95 3.53
CA GLU A 73 20.79 16.26 2.91
C GLU A 73 20.83 16.11 1.39
N THR A 74 19.86 15.39 0.84
CA THR A 74 19.61 15.35 -0.60
C THR A 74 18.17 15.78 -0.86
N ASN A 75 17.85 16.04 -2.13
CA ASN A 75 16.54 16.56 -2.49
C ASN A 75 16.25 16.16 -3.92
N LEU A 76 15.39 15.16 -4.09
CA LEU A 76 15.08 14.74 -5.44
C LEU A 76 14.19 15.74 -6.16
N GLY A 77 13.75 16.79 -5.48
CA GLY A 77 13.14 17.89 -6.20
C GLY A 77 14.14 18.70 -7.01
N ASP A 78 15.42 18.53 -6.75
CA ASP A 78 16.49 19.23 -7.48
C ASP A 78 17.51 18.20 -7.93
N PRO A 79 17.11 17.29 -8.80
CA PRO A 79 17.96 16.14 -9.12
C PRO A 79 19.24 16.54 -9.86
N GLY A 80 19.27 17.69 -10.52
CA GLY A 80 20.48 18.16 -11.14
C GLY A 80 21.59 18.42 -10.14
N LEU A 81 21.23 18.58 -8.86
CA LEU A 81 22.24 18.77 -7.85
C LEU A 81 22.66 17.47 -7.17
N PHE A 82 21.89 16.41 -7.34
CA PHE A 82 22.12 15.14 -6.61
C PHE A 82 22.06 14.01 -7.63
N LYS A 83 23.01 14.04 -8.56
CA LYS A 83 22.98 13.14 -9.70
C LYS A 83 23.00 11.70 -9.23
N GLY A 84 23.78 11.42 -8.18
CA GLY A 84 23.91 10.04 -7.72
C GLY A 84 22.68 9.55 -6.99
N THR A 85 22.08 10.40 -6.15
CA THR A 85 20.84 10.04 -5.47
C THR A 85 19.72 9.84 -6.48
N LYS A 86 19.69 10.68 -7.53
CA LYS A 86 18.71 10.48 -8.61
C LYS A 86 18.95 9.14 -9.32
N LEU A 87 20.21 8.78 -9.56
CA LEU A 87 20.46 7.47 -10.16
C LEU A 87 19.95 6.36 -9.26
N LEU A 88 20.13 6.49 -7.94
CA LEU A 88 19.60 5.47 -7.05
C LEU A 88 18.08 5.37 -7.09
N GLU A 89 17.39 6.51 -7.28
CA GLU A 89 15.94 6.41 -7.44
C GLU A 89 15.60 5.59 -8.69
N GLU A 90 16.25 5.89 -9.80
CA GLU A 90 16.03 5.12 -11.03
C GLU A 90 16.34 3.64 -10.82
N LYS A 91 17.42 3.32 -10.08
CA LYS A 91 17.74 1.92 -9.81
C LYS A 91 16.73 1.27 -8.88
N ALA A 92 16.23 2.00 -7.88
CA ALA A 92 15.19 1.46 -7.02
C ALA A 92 13.95 1.11 -7.84
N VAL A 93 13.55 2.02 -8.72
CA VAL A 93 12.41 1.81 -9.60
C VAL A 93 12.65 0.61 -10.50
N ALA A 94 13.89 0.46 -11.03
CA ALA A 94 14.18 -0.67 -11.92
C ALA A 94 14.10 -2.00 -11.17
N LEU A 95 14.55 -2.03 -9.91
N LEU A 95 14.54 -2.03 -9.91
CA LEU A 95 14.45 -3.25 -9.11
CA LEU A 95 14.46 -3.24 -9.10
C LEU A 95 12.99 -3.58 -8.82
C LEU A 95 13.00 -3.58 -8.78
N LEU A 96 12.19 -2.59 -8.43
CA LEU A 96 10.76 -2.83 -8.25
C LEU A 96 10.15 -3.30 -9.56
N GLY A 97 10.54 -2.68 -10.68
CA GLY A 97 10.01 -3.08 -11.98
C GLY A 97 10.35 -4.51 -12.31
N SER A 98 11.59 -4.91 -12.06
CA SER A 98 12.00 -6.29 -12.28
C SER A 98 11.19 -7.22 -11.39
N LEU A 99 10.98 -6.84 -10.13
CA LEU A 99 10.16 -7.65 -9.25
C LEU A 99 8.75 -7.83 -9.82
N LEU A 100 8.24 -6.81 -10.51
CA LEU A 100 6.90 -6.81 -11.08
C LEU A 100 6.90 -7.19 -12.55
N ASN A 101 7.96 -7.84 -13.02
CA ASN A 101 8.02 -8.39 -14.38
C ASN A 101 7.98 -7.32 -15.45
N ASN A 102 8.71 -6.23 -15.25
CA ASN A 102 8.78 -5.18 -16.27
C ASN A 102 10.14 -4.51 -16.16
N LYS A 103 11.02 -4.80 -17.13
CA LYS A 103 12.37 -4.23 -17.17
C LYS A 103 12.43 -2.84 -17.80
N ASP A 104 11.29 -2.29 -18.20
CA ASP A 104 11.26 -0.96 -18.78
C ASP A 104 10.32 0.00 -18.02
N ALA A 105 9.97 -0.34 -16.78
CA ALA A 105 9.00 0.48 -16.06
C ALA A 105 9.53 1.89 -15.91
N TYR A 106 8.62 2.86 -16.01
CA TYR A 106 8.90 4.25 -15.67
C TYR A 106 8.18 4.56 -14.36
N GLY A 107 8.89 5.15 -13.42
CA GLY A 107 8.25 5.44 -12.14
C GLY A 107 9.11 6.30 -11.22
N HIS A 108 8.69 6.34 -9.96
CA HIS A 108 9.31 7.19 -8.98
C HIS A 108 9.18 6.56 -7.60
N ILE A 109 10.13 6.88 -6.73
CA ILE A 109 10.04 6.58 -5.32
C ILE A 109 9.49 7.85 -4.67
N VAL A 110 8.22 7.79 -4.29
CA VAL A 110 7.44 8.97 -3.90
C VAL A 110 7.20 8.92 -2.40
N SER A 111 6.24 9.72 -1.90
CA SER A 111 6.09 9.85 -0.45
C SER A 111 5.32 8.69 0.18
N GLY A 112 4.61 7.90 -0.61
CA GLY A 112 3.78 6.85 -0.08
C GLY A 112 2.78 6.37 -1.13
N GLY A 113 1.95 5.43 -0.70
CA GLY A 113 0.96 4.87 -1.61
C GLY A 113 -0.12 5.84 -1.98
N THR A 114 -0.40 6.83 -1.10
CA THR A 114 -1.35 7.89 -1.44
C THR A 114 -0.88 8.73 -2.64
N GLU A 115 0.33 9.29 -2.57
CA GLU A 115 0.83 10.05 -3.72
C GLU A 115 0.91 9.17 -4.97
N ALA A 116 1.36 7.92 -4.82
CA ALA A 116 1.40 6.98 -5.94
C ALA A 116 0.02 6.83 -6.57
N ASN A 117 -1.01 6.56 -5.75
CA ASN A 117 -2.35 6.42 -6.29
C ASN A 117 -2.83 7.72 -6.93
N LEU A 118 -2.51 8.87 -6.33
CA LEU A 118 -2.95 10.13 -6.93
C LEU A 118 -2.28 10.38 -8.29
N MET A 119 -1.00 10.03 -8.43
CA MET A 119 -0.31 10.17 -9.72
C MET A 119 -0.94 9.28 -10.78
N ALA A 120 -1.34 8.06 -10.41
CA ALA A 120 -2.01 7.20 -11.37
C ALA A 120 -3.33 7.84 -11.80
N LEU A 121 -4.07 8.38 -10.82
CA LEU A 121 -5.34 9.01 -11.12
C LEU A 121 -5.14 10.23 -12.00
N ARG A 122 -4.05 11.00 -11.76
CA ARG A 122 -3.72 12.13 -12.64
C ARG A 122 -3.47 11.64 -14.06
N CYS A 123 -2.75 10.54 -14.22
CA CYS A 123 -2.49 9.97 -15.54
C CYS A 123 -3.80 9.56 -16.22
N ILE A 124 -4.65 8.84 -15.50
CA ILE A 124 -5.95 8.47 -16.03
C ILE A 124 -6.72 9.72 -16.47
N LYS A 125 -6.71 10.76 -15.64
CA LYS A 125 -7.45 11.97 -15.98
C LYS A 125 -6.87 12.66 -17.22
N ASN A 126 -5.55 12.72 -17.35
CA ASN A 126 -4.98 13.41 -18.50
C ASN A 126 -5.15 12.63 -19.80
N ILE A 127 -5.17 11.29 -19.76
CA ILE A 127 -5.58 10.52 -20.93
C ILE A 127 -7.00 10.90 -21.31
N TRP A 128 -7.89 11.00 -20.32
CA TRP A 128 -9.25 11.44 -20.61
C TRP A 128 -9.29 12.86 -21.15
N ARG A 129 -8.49 13.75 -20.59
CA ARG A 129 -8.49 15.14 -21.07
C ARG A 129 -8.11 15.20 -22.53
N GLU A 130 -7.09 14.44 -22.94
CA GLU A 130 -6.68 14.40 -24.33
C GLU A 130 -7.85 13.97 -25.23
N LYS A 131 -8.55 12.91 -24.84
CA LYS A 131 -9.75 12.51 -25.57
C LYS A 131 -10.77 13.65 -25.66
N ARG A 132 -11.03 14.32 -24.53
CA ARG A 132 -12.06 15.35 -24.53
C ARG A 132 -11.69 16.47 -25.48
N ARG A 133 -10.39 16.81 -25.54
CA ARG A 133 -9.93 17.84 -26.43
C ARG A 133 -10.21 17.49 -27.88
N LYS A 134 -10.28 16.19 -28.19
CA LYS A 134 -10.54 15.71 -29.54
C LYS A 134 -11.98 15.32 -29.79
N GLY A 135 -12.86 15.56 -28.83
CA GLY A 135 -14.25 15.17 -28.99
C GLY A 135 -14.50 13.68 -28.80
N LEU A 136 -13.50 12.93 -28.37
CA LEU A 136 -13.57 11.49 -28.22
C LEU A 136 -14.13 11.02 -26.89
N SER A 137 -14.70 11.90 -26.08
CA SER A 137 -15.33 11.44 -24.85
C SER A 137 -16.59 12.23 -24.56
N LYS A 138 -17.66 11.52 -24.31
CA LYS A 138 -18.92 12.08 -23.84
C LYS A 138 -18.95 12.29 -22.33
N ASN A 139 -17.91 11.93 -21.60
CA ASN A 139 -17.87 12.13 -20.15
C ASN A 139 -17.38 13.53 -19.82
N GLU A 140 -18.17 14.25 -19.03
CA GLU A 140 -17.74 15.56 -18.54
C GLU A 140 -16.68 15.44 -17.44
N HIS A 141 -16.53 14.25 -16.85
CA HIS A 141 -15.47 13.96 -15.88
C HIS A 141 -15.02 12.53 -16.11
N PRO A 142 -13.76 12.21 -15.83
CA PRO A 142 -13.31 10.81 -16.00
C PRO A 142 -14.20 9.91 -15.17
N LYS A 143 -14.62 8.79 -15.78
CA LYS A 143 -15.39 7.79 -15.08
C LYS A 143 -14.50 6.60 -14.79
N ILE A 144 -14.38 6.27 -13.51
CA ILE A 144 -13.42 5.30 -13.04
C ILE A 144 -14.15 4.29 -12.18
N ILE A 145 -13.96 3.02 -12.51
CA ILE A 145 -14.55 1.93 -11.75
C ILE A 145 -13.59 1.60 -10.61
N VAL A 146 -14.11 1.65 -9.39
CA VAL A 146 -13.34 1.50 -8.17
C VAL A 146 -14.08 0.55 -7.26
N PRO A 147 -13.44 -0.49 -6.71
CA PRO A 147 -14.13 -1.35 -5.75
C PRO A 147 -14.38 -0.61 -4.46
N ILE A 148 -15.43 -1.00 -3.74
CA ILE A 148 -15.76 -0.33 -2.49
C ILE A 148 -14.74 -0.60 -1.39
N THR A 149 -13.84 -1.55 -1.60
CA THR A 149 -12.73 -1.86 -0.70
C THR A 149 -11.54 -0.92 -0.90
N ALA A 150 -11.67 0.06 -1.77
CA ALA A 150 -10.55 0.92 -2.12
C ALA A 150 -10.11 1.76 -0.93
N HIS A 151 -8.78 1.93 -0.83
CA HIS A 151 -8.19 2.79 0.17
C HIS A 151 -8.65 4.23 0.06
N PHE A 152 -8.63 4.90 1.21
CA PHE A 152 -9.15 6.27 1.32
C PHE A 152 -8.45 7.23 0.36
N SER A 153 -7.21 6.94 -0.03
CA SER A 153 -6.52 7.81 -0.96
C SER A 153 -7.28 7.95 -2.26
N PHE A 154 -8.05 6.93 -2.66
CA PHE A 154 -8.86 7.10 -3.88
C PHE A 154 -9.95 8.14 -3.68
N GLU A 155 -10.45 8.28 -2.46
CA GLU A 155 -11.45 9.32 -2.21
C GLU A 155 -10.81 10.70 -2.21
N LYS A 156 -9.62 10.82 -1.61
CA LYS A 156 -8.88 12.07 -1.74
C LYS A 156 -8.69 12.45 -3.19
N GLY A 157 -8.35 11.49 -4.05
CA GLY A 157 -8.19 11.81 -5.47
C GLY A 157 -9.49 12.24 -6.12
N ARG A 158 -10.57 11.53 -5.81
CA ARG A 158 -11.86 11.90 -6.39
C ARG A 158 -12.24 13.31 -5.99
N GLU A 159 -12.09 13.62 -4.70
CA GLU A 159 -12.50 14.92 -4.17
C GLU A 159 -11.68 16.04 -4.79
N MET A 160 -10.37 15.83 -4.92
CA MET A 160 -9.52 16.86 -5.48
C MET A 160 -9.67 17.00 -6.97
N MET A 161 -9.74 15.90 -7.71
CA MET A 161 -9.64 15.94 -9.17
C MET A 161 -10.99 15.91 -9.86
N ASP A 162 -12.07 15.95 -9.09
CA ASP A 162 -13.44 15.92 -9.60
C ASP A 162 -13.67 14.69 -10.50
N LEU A 163 -13.25 13.53 -10.02
CA LEU A 163 -13.48 12.28 -10.74
C LEU A 163 -14.89 11.78 -10.45
N GLU A 164 -15.44 11.02 -11.41
CA GLU A 164 -16.68 10.31 -11.22
C GLU A 164 -16.37 8.83 -11.03
N TYR A 165 -16.68 8.30 -9.86
CA TYR A 165 -16.41 6.90 -9.53
C TYR A 165 -17.68 6.09 -9.75
N ILE A 166 -17.52 4.95 -10.41
CA ILE A 166 -18.53 3.91 -10.46
C ILE A 166 -18.06 2.88 -9.45
N TYR A 167 -18.74 2.80 -8.30
CA TYR A 167 -18.27 1.93 -7.22
C TYR A 167 -18.64 0.49 -7.54
N ALA A 168 -17.64 -0.38 -7.66
CA ALA A 168 -17.92 -1.79 -7.96
C ALA A 168 -18.18 -2.56 -6.66
N PRO A 169 -19.24 -3.38 -6.62
CA PRO A 169 -19.48 -4.19 -5.43
C PRO A 169 -18.46 -5.33 -5.38
N ILE A 170 -18.38 -5.94 -4.21
CA ILE A 170 -17.50 -7.07 -3.97
C ILE A 170 -18.34 -8.32 -3.79
N LYS A 171 -17.72 -9.44 -4.08
CA LYS A 171 -18.37 -10.73 -3.98
C LYS A 171 -18.24 -11.24 -2.55
N GLU A 172 -18.72 -12.46 -2.32
CA GLU A 172 -18.70 -13.04 -1.00
C GLU A 172 -17.27 -13.24 -0.48
N ASP A 173 -16.29 -13.48 -1.36
CA ASP A 173 -14.89 -13.57 -0.94
C ASP A 173 -14.23 -12.18 -0.78
N TYR A 174 -15.03 -11.12 -0.86
CA TYR A 174 -14.57 -9.74 -0.67
C TYR A 174 -13.62 -9.27 -1.78
N THR A 175 -13.70 -9.86 -2.97
CA THR A 175 -12.99 -9.35 -4.13
C THR A 175 -13.99 -8.72 -5.09
N ILE A 176 -13.47 -7.82 -5.94
CA ILE A 176 -14.31 -7.06 -6.86
C ILE A 176 -15.11 -8.01 -7.74
N ASP A 177 -16.35 -7.62 -8.01
CA ASP A 177 -17.22 -8.38 -8.90
C ASP A 177 -16.82 -8.13 -10.34
N GLU A 178 -16.11 -9.10 -10.96
CA GLU A 178 -15.61 -8.91 -12.32
C GLU A 178 -16.74 -8.79 -13.33
N LYS A 179 -17.88 -9.47 -13.09
CA LYS A 179 -18.96 -9.38 -14.06
C LYS A 179 -19.58 -7.99 -14.04
N PHE A 180 -19.68 -7.38 -12.86
CA PHE A 180 -20.14 -6.00 -12.77
C PHE A 180 -19.24 -5.09 -13.61
N VAL A 181 -17.92 -5.23 -13.43
CA VAL A 181 -17.02 -4.37 -14.16
C VAL A 181 -17.23 -4.52 -15.66
N LYS A 182 -17.32 -5.77 -16.12
CA LYS A 182 -17.51 -6.03 -17.55
C LYS A 182 -18.83 -5.46 -18.04
N ASP A 183 -19.91 -5.64 -17.28
CA ASP A 183 -21.19 -5.04 -17.65
C ASP A 183 -21.11 -3.52 -17.62
N ALA A 184 -20.43 -2.96 -16.60
CA ALA A 184 -20.37 -1.50 -16.52
C ALA A 184 -19.61 -0.91 -17.70
N VAL A 185 -18.56 -1.60 -18.13
CA VAL A 185 -17.73 -1.17 -19.25
C VAL A 185 -18.51 -1.18 -20.54
N GLU A 186 -19.42 -2.14 -20.70
CA GLU A 186 -20.32 -2.13 -21.86
C GLU A 186 -21.33 -1.00 -21.74
N ASP A 187 -21.85 -0.77 -20.52
CA ASP A 187 -22.94 0.20 -20.34
C ASP A 187 -22.46 1.65 -20.45
N TYR A 188 -21.22 1.93 -20.07
CA TYR A 188 -20.73 3.29 -19.97
C TYR A 188 -19.40 3.42 -20.70
N ASP A 189 -19.04 4.67 -20.98
CA ASP A 189 -17.68 5.03 -21.40
C ASP A 189 -16.79 5.10 -20.16
N VAL A 190 -15.89 4.12 -19.97
CA VAL A 190 -15.06 4.06 -18.74
C VAL A 190 -13.65 4.53 -19.06
N ASP A 191 -13.13 5.42 -18.20
CA ASP A 191 -11.80 5.95 -18.39
C ASP A 191 -10.73 5.25 -17.57
N GLY A 192 -11.11 4.47 -16.58
CA GLY A 192 -10.13 3.71 -15.82
C GLY A 192 -10.81 2.65 -14.97
N ILE A 193 -10.01 1.65 -14.61
CA ILE A 193 -10.38 0.56 -13.72
C ILE A 193 -9.31 0.45 -12.64
N ILE A 194 -9.74 0.32 -11.39
CA ILE A 194 -8.84 0.10 -10.26
C ILE A 194 -9.02 -1.31 -9.75
N GLY A 195 -7.90 -2.02 -9.59
CA GLY A 195 -7.89 -3.30 -8.93
C GLY A 195 -6.95 -3.25 -7.74
N ILE A 196 -7.25 -4.04 -6.71
CA ILE A 196 -6.46 -4.01 -5.50
C ILE A 196 -5.80 -5.35 -5.29
N ALA A 197 -4.47 -5.34 -5.11
CA ALA A 197 -3.69 -6.54 -4.81
C ALA A 197 -3.25 -6.50 -3.35
N GLY A 198 -4.17 -6.90 -2.47
CA GLY A 198 -3.96 -6.84 -1.03
C GLY A 198 -4.74 -5.72 -0.39
N THR A 199 -6.04 -5.92 -0.14
CA THR A 199 -6.85 -4.82 0.39
C THR A 199 -6.43 -4.50 1.82
N THR A 200 -6.67 -3.24 2.18
CA THR A 200 -6.32 -2.75 3.50
C THR A 200 -6.98 -3.56 4.61
N GLU A 201 -8.26 -3.90 4.46
CA GLU A 201 -8.98 -4.43 5.63
C GLU A 201 -8.77 -5.93 5.80
N LEU A 202 -8.67 -6.68 4.69
N LEU A 202 -8.67 -6.67 4.69
CA LEU A 202 -8.67 -8.14 4.71
CA LEU A 202 -8.66 -8.13 4.71
C LEU A 202 -7.52 -8.78 3.95
C LEU A 202 -7.49 -8.77 3.98
N GLY A 203 -6.75 -8.02 3.18
CA GLY A 203 -5.63 -8.59 2.45
C GLY A 203 -6.02 -9.43 1.26
N THR A 204 -7.22 -9.24 0.72
CA THR A 204 -7.67 -10.01 -0.43
C THR A 204 -7.13 -9.40 -1.73
N ILE A 205 -7.16 -10.20 -2.78
CA ILE A 205 -6.52 -9.87 -4.06
C ILE A 205 -7.62 -9.90 -5.09
N ASP A 206 -7.89 -8.75 -5.69
CA ASP A 206 -8.84 -8.71 -6.79
C ASP A 206 -8.32 -9.56 -7.96
N ASN A 207 -9.26 -10.01 -8.80
CA ASN A 207 -8.88 -10.80 -10.00
C ASN A 207 -8.31 -9.88 -11.09
N ILE A 208 -7.08 -9.43 -10.84
CA ILE A 208 -6.40 -8.53 -11.78
C ILE A 208 -6.33 -9.15 -13.19
N GLU A 209 -6.13 -10.46 -13.28
CA GLU A 209 -6.01 -11.10 -14.60
C GLU A 209 -7.26 -10.87 -15.43
N GLU A 210 -8.43 -11.11 -14.84
CA GLU A 210 -9.68 -10.84 -15.56
C GLU A 210 -9.85 -9.34 -15.78
N LEU A 211 -9.56 -8.51 -14.76
CA LEU A 211 -9.76 -7.08 -14.95
C LEU A 211 -8.87 -6.57 -16.07
N SER A 212 -7.62 -7.07 -16.12
CA SER A 212 -6.70 -6.62 -17.17
CA SER A 212 -6.70 -6.62 -17.16
C SER A 212 -7.16 -7.08 -18.54
N LYS A 213 -7.79 -8.24 -18.64
CA LYS A 213 -8.38 -8.69 -19.89
C LYS A 213 -9.52 -7.78 -20.32
N ILE A 214 -10.43 -7.46 -19.38
CA ILE A 214 -11.48 -6.49 -19.68
C ILE A 214 -10.86 -5.16 -20.12
N ALA A 215 -9.84 -4.71 -19.40
CA ALA A 215 -9.25 -3.41 -19.70
C ALA A 215 -8.58 -3.43 -21.07
N LYS A 216 -7.81 -4.47 -21.36
CA LYS A 216 -7.12 -4.52 -22.64
C LYS A 216 -8.11 -4.57 -23.81
N GLU A 217 -9.16 -5.38 -23.67
CA GLU A 217 -10.12 -5.56 -24.75
C GLU A 217 -10.90 -4.29 -25.04
N ASN A 218 -11.04 -3.42 -24.06
CA ASN A 218 -11.81 -2.20 -24.23
C ASN A 218 -10.94 -0.96 -24.25
N ASN A 219 -9.62 -1.13 -24.27
CA ASN A 219 -8.67 -0.03 -24.26
C ASN A 219 -8.86 0.90 -23.06
N ILE A 220 -9.02 0.32 -21.88
CA ILE A 220 -9.22 1.10 -20.64
C ILE A 220 -7.97 0.99 -19.78
N TYR A 221 -7.50 2.13 -19.26
CA TYR A 221 -6.39 2.15 -18.32
C TYR A 221 -6.76 1.36 -17.08
N ILE A 222 -5.86 0.50 -16.63
CA ILE A 222 -6.05 -0.22 -15.38
C ILE A 222 -4.86 0.03 -14.47
N HIS A 223 -5.15 0.43 -13.24
CA HIS A 223 -4.19 0.66 -12.18
C HIS A 223 -4.37 -0.39 -11.10
N VAL A 224 -3.24 -0.93 -10.64
CA VAL A 224 -3.24 -1.93 -9.58
C VAL A 224 -2.69 -1.28 -8.32
N ASP A 225 -3.49 -1.28 -7.26
CA ASP A 225 -3.03 -0.80 -5.97
C ASP A 225 -2.45 -1.98 -5.20
N ALA A 226 -1.13 -2.15 -5.30
CA ALA A 226 -0.37 -3.16 -4.57
C ALA A 226 0.48 -2.56 -3.46
N ALA A 227 0.04 -1.39 -2.94
CA ALA A 227 0.77 -0.74 -1.86
C ALA A 227 1.24 -1.75 -0.82
N PHE A 228 0.31 -2.56 -0.33
CA PHE A 228 0.67 -3.59 0.63
C PHE A 228 1.09 -4.90 -0.05
N GLY A 229 0.26 -5.44 -0.94
CA GLY A 229 0.51 -6.76 -1.46
C GLY A 229 1.73 -6.88 -2.37
N GLY A 230 2.17 -5.78 -2.96
CA GLY A 230 3.22 -5.87 -3.95
C GLY A 230 4.53 -6.41 -3.42
N LEU A 231 4.84 -6.15 -2.15
CA LEU A 231 6.03 -6.68 -1.54
C LEU A 231 5.74 -7.91 -0.66
N VAL A 232 4.56 -8.53 -0.83
CA VAL A 232 4.22 -9.77 -0.13
C VAL A 232 3.97 -10.89 -1.15
N ILE A 233 3.03 -10.62 -2.06
CA ILE A 233 2.58 -11.66 -2.98
C ILE A 233 3.75 -12.35 -3.69
N PRO A 234 4.72 -11.64 -4.26
CA PRO A 234 5.78 -12.33 -5.03
C PRO A 234 6.65 -13.24 -4.18
N PHE A 235 6.52 -13.23 -2.86
CA PHE A 235 7.36 -13.97 -1.96
C PHE A 235 6.62 -15.08 -1.21
N LEU A 236 5.34 -15.30 -1.48
CA LEU A 236 4.58 -16.26 -0.67
C LEU A 236 5.01 -17.69 -0.99
N ASP A 237 5.29 -18.48 0.04
CA ASP A 237 5.42 -19.92 -0.14
C ASP A 237 4.11 -20.54 -0.59
N ASP A 238 4.21 -21.64 -1.34
N ASP A 238 4.22 -21.65 -1.31
CA ASP A 238 3.01 -22.20 -1.97
CA ASP A 238 3.07 -22.26 -1.94
C ASP A 238 2.00 -22.70 -0.93
C ASP A 238 2.02 -22.71 -0.93
N LYS A 239 2.45 -23.10 0.26
CA LYS A 239 1.51 -23.58 1.27
C LYS A 239 0.56 -22.50 1.74
N TYR A 240 0.90 -21.23 1.52
CA TYR A 240 0.01 -20.15 1.93
C TYR A 240 -0.91 -19.73 0.80
N LYS A 241 -0.64 -20.20 -0.41
CA LYS A 241 -1.49 -19.88 -1.54
C LYS A 241 -2.70 -20.79 -1.52
N LYS A 242 -3.82 -20.28 -2.01
CA LYS A 242 -5.11 -20.96 -1.91
C LYS A 242 -5.60 -21.30 -3.30
N LYS A 243 -6.17 -22.50 -3.43
CA LYS A 243 -6.75 -22.90 -4.69
C LYS A 243 -7.85 -21.93 -5.06
N GLY A 244 -7.91 -21.59 -6.35
CA GLY A 244 -8.93 -20.68 -6.82
C GLY A 244 -8.59 -19.21 -6.67
N VAL A 245 -7.71 -18.84 -5.74
CA VAL A 245 -7.27 -17.46 -5.63
C VAL A 245 -6.20 -17.19 -6.67
N ASN A 246 -6.38 -16.13 -7.45
CA ASN A 246 -5.39 -15.71 -8.43
C ASN A 246 -4.41 -14.75 -7.76
N TYR A 247 -3.13 -15.05 -7.88
CA TYR A 247 -2.07 -14.23 -7.30
C TYR A 247 -1.34 -13.39 -8.33
N LYS A 248 -1.73 -13.48 -9.60
CA LYS A 248 -1.13 -12.65 -10.63
C LYS A 248 -1.69 -11.24 -10.50
N PHE A 249 -0.78 -10.25 -10.54
CA PHE A 249 -1.19 -8.86 -10.40
C PHE A 249 -0.29 -7.86 -11.11
N ASP A 250 0.83 -8.30 -11.69
CA ASP A 250 1.86 -7.35 -12.05
C ASP A 250 1.90 -7.07 -13.55
N PHE A 251 3.01 -6.50 -14.04
CA PHE A 251 3.07 -6.08 -15.44
C PHE A 251 3.06 -7.25 -16.42
N SER A 252 3.27 -8.50 -15.95
CA SER A 252 3.05 -9.63 -16.82
C SER A 252 1.60 -9.68 -17.31
N LEU A 253 0.67 -8.99 -16.64
CA LEU A 253 -0.71 -8.93 -17.11
C LEU A 253 -0.97 -7.76 -18.04
N GLY A 254 0.04 -6.94 -18.36
CA GLY A 254 -0.20 -5.79 -19.21
C GLY A 254 -0.84 -4.59 -18.53
N VAL A 255 -0.89 -4.54 -17.21
CA VAL A 255 -1.55 -3.39 -16.53
C VAL A 255 -0.71 -2.13 -16.75
N ASP A 256 -1.38 -0.98 -16.59
CA ASP A 256 -0.78 0.30 -16.90
C ASP A 256 0.08 0.84 -15.77
N SER A 257 -0.34 0.67 -14.54
CA SER A 257 0.44 1.18 -13.41
C SER A 257 0.21 0.33 -12.18
N ILE A 258 1.16 0.42 -11.28
CA ILE A 258 1.16 -0.34 -10.03
C ILE A 258 1.72 0.55 -8.94
N THR A 259 0.96 0.68 -7.85
CA THR A 259 1.46 1.26 -6.62
C THR A 259 2.05 0.17 -5.73
N ILE A 260 3.19 0.46 -5.11
CA ILE A 260 3.89 -0.50 -4.26
C ILE A 260 4.66 0.31 -3.24
N ASP A 261 4.62 -0.10 -1.98
CA ASP A 261 5.01 0.75 -0.85
CA ASP A 261 5.05 0.75 -0.88
C ASP A 261 6.15 0.14 -0.06
N PRO A 262 7.41 0.50 -0.36
CA PRO A 262 8.53 0.04 0.47
C PRO A 262 8.37 0.33 1.96
N HIS A 263 7.73 1.42 2.36
CA HIS A 263 7.69 1.70 3.80
C HIS A 263 6.57 0.89 4.47
N MET A 265 5.65 -3.30 3.62
CA MET A 265 6.37 -4.55 3.81
C MET A 265 7.75 -4.60 3.15
N GLY A 266 8.26 -3.44 2.74
CA GLY A 266 9.64 -3.30 2.34
C GLY A 266 10.60 -2.87 3.44
N HIS A 267 10.09 -2.65 4.64
CA HIS A 267 10.88 -2.31 5.82
C HIS A 267 11.68 -1.05 5.64
N CYS A 268 11.25 -0.18 4.74
CA CYS A 268 11.97 1.07 4.59
C CYS A 268 11.35 2.20 5.43
N PRO A 269 12.16 3.20 5.79
CA PRO A 269 11.60 4.33 6.53
C PRO A 269 10.68 5.18 5.70
N ILE A 270 9.66 5.72 6.38
CA ILE A 270 8.79 6.71 5.78
C ILE A 270 9.63 7.94 5.45
N PRO A 271 9.44 8.60 4.29
CA PRO A 271 8.59 8.29 3.16
C PRO A 271 9.32 7.48 2.08
N SER A 272 8.78 6.29 1.80
CA SER A 272 9.26 5.39 0.75
C SER A 272 8.02 4.73 0.12
N GLY A 273 7.38 5.45 -0.79
CA GLY A 273 6.31 4.88 -1.61
C GLY A 273 6.77 4.64 -3.02
N GLY A 274 6.05 3.86 -3.79
CA GLY A 274 6.43 3.57 -5.15
C GLY A 274 5.30 3.63 -6.16
N ILE A 275 5.52 4.31 -7.28
CA ILE A 275 4.58 4.28 -8.41
C ILE A 275 5.34 3.85 -9.67
N LEU A 276 4.83 2.83 -10.34
CA LEU A 276 5.42 2.33 -11.57
C LEU A 276 4.40 2.32 -12.70
N PHE A 277 4.79 2.87 -13.83
CA PHE A 277 4.01 2.85 -15.06
C PHE A 277 4.63 1.87 -16.04
N LYS A 278 3.79 1.39 -16.96
CA LYS A 278 4.22 0.31 -17.84
C LYS A 278 5.44 0.71 -18.65
N ASP A 279 5.48 1.96 -19.14
CA ASP A 279 6.67 2.45 -19.84
C ASP A 279 6.71 3.97 -19.77
N ILE A 280 7.75 4.52 -20.40
CA ILE A 280 8.03 5.94 -20.33
C ILE A 280 7.05 6.77 -21.13
N GLY A 281 6.26 6.13 -22.00
CA GLY A 281 5.22 6.86 -22.71
C GLY A 281 4.15 7.45 -21.80
N TYR A 282 4.06 6.96 -20.57
CA TYR A 282 3.07 7.51 -19.64
C TYR A 282 3.52 8.84 -19.04
N LYS A 283 4.80 9.17 -19.15
CA LYS A 283 5.32 10.37 -18.49
C LYS A 283 4.64 11.63 -18.99
N ARG A 284 4.34 11.69 -20.29
CA ARG A 284 3.75 12.90 -20.83
C ARG A 284 2.36 13.17 -20.23
N TYR A 285 1.66 12.13 -19.78
CA TYR A 285 0.37 12.34 -19.15
C TYR A 285 0.48 12.75 -17.70
N LEU A 286 1.70 12.86 -17.19
CA LEU A 286 1.95 13.40 -15.87
C LEU A 286 2.41 14.85 -15.92
N ASP A 287 2.60 15.41 -17.12
CA ASP A 287 3.01 16.80 -17.25
C ASP A 287 1.93 17.72 -16.71
N VAL A 288 2.36 18.91 -16.29
CA VAL A 288 1.52 20.02 -15.86
C VAL A 288 1.90 21.26 -16.66
N ASP A 289 0.91 21.90 -17.28
CA ASP A 289 1.14 23.11 -18.08
C ASP A 289 1.28 24.32 -17.17
N ALA A 290 2.49 24.90 -17.11
CA ALA A 290 2.78 26.10 -16.33
C ALA A 290 3.04 27.24 -17.30
N PRO A 291 2.02 28.03 -17.66
CA PRO A 291 2.22 29.07 -18.69
C PRO A 291 3.30 30.09 -18.35
N TYR A 292 3.50 30.42 -17.08
CA TYR A 292 4.51 31.39 -16.68
C TYR A 292 5.73 30.74 -16.02
N LEU A 293 5.85 29.42 -16.09
CA LEU A 293 7.00 28.72 -15.53
C LEU A 293 7.85 28.10 -16.63
N GLN A 298 8.71 18.08 -13.94
CA GLN A 298 8.39 17.36 -12.71
C GLN A 298 7.07 16.59 -12.75
N ALA A 299 7.18 15.31 -12.43
CA ALA A 299 6.04 14.40 -12.54
C ALA A 299 5.43 14.04 -11.20
N THR A 300 6.17 14.21 -10.10
CA THR A 300 5.62 13.93 -8.77
C THR A 300 4.69 15.08 -8.35
N ILE A 301 3.80 14.77 -7.41
CA ILE A 301 2.98 15.83 -6.84
C ILE A 301 3.82 16.73 -5.93
N LEU A 302 4.62 16.12 -5.07
CA LEU A 302 5.49 16.92 -4.21
C LEU A 302 6.58 17.58 -5.04
N GLY A 303 7.14 18.64 -4.51
CA GLY A 303 8.29 19.30 -5.10
C GLY A 303 9.57 18.85 -4.43
N THR A 304 10.09 19.66 -3.51
CA THR A 304 11.13 19.19 -2.61
C THR A 304 10.69 17.87 -1.99
N ARG A 305 11.61 16.91 -1.94
CA ARG A 305 11.26 15.57 -1.50
C ARG A 305 12.52 14.78 -1.19
N VAL A 306 12.37 13.80 -0.31
CA VAL A 306 13.51 13.03 0.16
C VAL A 306 14.21 12.28 -0.96
N GLY A 307 15.53 12.15 -0.80
CA GLY A 307 16.33 11.24 -1.60
C GLY A 307 16.61 9.92 -0.90
N PHE A 308 16.40 9.85 0.43
CA PHE A 308 16.73 8.60 1.11
C PHE A 308 15.71 7.48 0.87
N GLY A 309 14.51 7.78 0.38
CA GLY A 309 13.59 6.70 0.06
C GLY A 309 14.10 5.82 -1.08
N GLY A 310 14.55 6.44 -2.16
CA GLY A 310 15.15 5.69 -3.24
C GLY A 310 16.37 4.90 -2.81
N ALA A 311 17.26 5.55 -2.04
CA ALA A 311 18.44 4.85 -1.56
C ALA A 311 18.07 3.65 -0.71
N CYS A 312 17.10 3.84 0.20
CA CYS A 312 16.71 2.75 1.08
C CYS A 312 16.03 1.63 0.31
N THR A 313 15.15 1.98 -0.63
CA THR A 313 14.43 0.95 -1.38
C THR A 313 15.39 0.07 -2.17
N TYR A 314 16.31 0.69 -2.89
CA TYR A 314 17.35 -0.05 -3.59
C TYR A 314 18.18 -0.89 -2.63
N ALA A 315 18.65 -0.29 -1.55
CA ALA A 315 19.57 -1.01 -0.66
C ALA A 315 18.90 -2.19 0.04
N VAL A 316 17.66 -2.00 0.49
CA VAL A 316 17.00 -3.10 1.21
C VAL A 316 16.77 -4.28 0.27
N LEU A 317 16.32 -4.02 -0.94
CA LEU A 317 16.10 -5.11 -1.88
C LEU A 317 17.41 -5.82 -2.23
N ARG A 318 18.51 -5.06 -2.35
CA ARG A 318 19.82 -5.65 -2.61
C ARG A 318 20.32 -6.41 -1.41
N TYR A 319 20.21 -5.80 -0.24
CA TYR A 319 20.71 -6.42 0.97
C TYR A 319 19.99 -7.73 1.26
N LEU A 320 18.66 -7.73 1.12
CA LEU A 320 17.88 -8.94 1.43
C LEU A 320 17.96 -9.97 0.29
N GLY A 321 17.94 -9.50 -0.94
CA GLY A 321 17.68 -10.37 -2.06
C GLY A 321 16.28 -10.95 -1.93
N ARG A 322 15.83 -11.69 -2.95
CA ARG A 322 14.57 -12.41 -2.83
C ARG A 322 14.57 -13.35 -1.64
N GLU A 323 15.72 -13.98 -1.38
CA GLU A 323 15.81 -14.92 -0.28
C GLU A 323 15.48 -14.26 1.05
N GLY A 324 16.08 -13.10 1.33
CA GLY A 324 15.86 -12.47 2.63
C GLY A 324 14.41 -11.99 2.78
N GLN A 325 13.82 -11.50 1.69
CA GLN A 325 12.44 -11.04 1.80
C GLN A 325 11.49 -12.22 1.89
N ARG A 326 11.76 -13.31 1.16
CA ARG A 326 10.92 -14.50 1.32
C ARG A 326 10.89 -14.95 2.76
N LYS A 327 12.05 -14.91 3.42
CA LYS A 327 12.10 -15.39 4.80
C LYS A 327 11.19 -14.55 5.69
N ILE A 328 11.28 -13.23 5.58
CA ILE A 328 10.46 -12.33 6.40
C ILE A 328 8.99 -12.51 6.06
N VAL A 329 8.64 -12.54 4.77
CA VAL A 329 7.23 -12.65 4.38
C VAL A 329 6.63 -13.93 4.94
N ASN A 330 7.32 -15.05 4.81
CA ASN A 330 6.72 -16.32 5.19
C ASN A 330 6.77 -16.56 6.69
N GLU A 331 7.71 -15.92 7.39
CA GLU A 331 7.63 -15.85 8.84
C GLU A 331 6.34 -15.14 9.27
N CYS A 332 6.03 -14.00 8.63
CA CYS A 332 4.78 -13.30 8.92
C CYS A 332 3.59 -14.20 8.61
N MET A 333 3.61 -14.90 7.47
CA MET A 333 2.47 -15.75 7.14
C MET A 333 2.31 -16.90 8.16
N GLU A 334 3.42 -17.45 8.62
CA GLU A 334 3.36 -18.49 9.65
C GLU A 334 2.71 -17.95 10.93
N ASN A 335 3.08 -16.75 11.34
CA ASN A 335 2.43 -16.14 12.49
C ASN A 335 0.98 -15.77 12.19
N THR A 336 0.68 -15.44 10.93
CA THR A 336 -0.71 -15.14 10.58
C THR A 336 -1.59 -16.38 10.71
N LEU A 337 -1.13 -17.51 10.18
CA LEU A 337 -1.93 -18.74 10.27
C LEU A 337 -1.97 -19.26 11.71
N TYR A 338 -0.92 -19.04 12.49
CA TYR A 338 -0.98 -19.35 13.91
C TYR A 338 -2.10 -18.57 14.59
N LEU A 339 -2.13 -17.26 14.39
CA LEU A 339 -3.19 -16.44 14.97
C LEU A 339 -4.57 -16.92 14.52
N TYR A 340 -4.72 -17.16 13.22
CA TYR A 340 -5.95 -17.74 12.70
C TYR A 340 -6.33 -19.00 13.48
N LYS A 341 -5.37 -19.91 13.66
CA LYS A 341 -5.62 -21.17 14.37
C LYS A 341 -6.06 -20.92 15.80
N LYS A 342 -5.32 -20.09 16.55
CA LYS A 342 -5.70 -19.78 17.92
C LYS A 342 -7.07 -19.13 17.98
N LEU A 343 -7.39 -18.26 17.02
CA LEU A 343 -8.69 -17.60 17.03
C LEU A 343 -9.81 -18.64 16.97
N LYS A 344 -9.73 -19.56 16.01
CA LYS A 344 -10.76 -20.60 15.91
C LYS A 344 -10.76 -21.50 17.14
N GLU A 345 -9.58 -21.87 17.62
CA GLU A 345 -9.52 -22.69 18.82
C GLU A 345 -10.25 -22.05 19.98
N ASN A 346 -10.35 -20.71 19.98
CA ASN A 346 -11.03 -19.99 21.04
C ASN A 346 -12.42 -19.52 20.63
N ASN A 347 -12.95 -20.08 19.55
CA ASN A 347 -14.33 -19.84 19.11
C ASN A 347 -14.55 -18.40 18.65
N PHE A 348 -13.51 -17.72 18.17
CA PHE A 348 -13.69 -16.49 17.41
C PHE A 348 -13.86 -16.82 15.93
N LYS A 349 -14.61 -16.00 15.22
CA LYS A 349 -14.94 -16.27 13.82
C LYS A 349 -14.13 -15.34 12.91
N PRO A 350 -13.00 -15.80 12.37
CA PRO A 350 -12.28 -14.99 11.37
C PRO A 350 -13.16 -14.72 10.15
N VAL A 351 -13.01 -13.52 9.59
CA VAL A 351 -13.81 -13.13 8.43
C VAL A 351 -13.53 -14.08 7.26
N ILE A 352 -12.26 -14.34 7.01
CA ILE A 352 -11.82 -15.24 5.95
C ILE A 352 -10.56 -15.95 6.43
N GLU A 353 -10.26 -17.08 5.81
CA GLU A 353 -8.93 -17.64 5.96
C GLU A 353 -7.94 -16.70 5.30
N PRO A 354 -6.86 -16.34 5.97
CA PRO A 354 -5.99 -15.27 5.47
C PRO A 354 -5.39 -15.56 4.11
N ILE A 355 -5.31 -14.50 3.32
CA ILE A 355 -4.66 -14.51 2.02
C ILE A 355 -3.24 -13.99 2.13
N LEU A 356 -3.08 -12.84 2.78
CA LEU A 356 -1.79 -12.24 3.10
C LEU A 356 -1.66 -12.24 4.61
N ASN A 357 -0.72 -11.44 5.14
CA ASN A 357 -0.47 -11.47 6.57
C ASN A 357 -1.42 -10.52 7.31
N ILE A 358 -2.71 -10.77 7.10
CA ILE A 358 -3.82 -10.00 7.66
C ILE A 358 -4.96 -10.96 8.00
N VAL A 359 -5.48 -10.85 9.23
N VAL A 359 -5.49 -10.86 9.23
CA VAL A 359 -6.64 -11.62 9.70
CA VAL A 359 -6.67 -11.63 9.62
C VAL A 359 -7.60 -10.65 10.37
C VAL A 359 -7.60 -10.70 10.38
N ALA A 360 -8.90 -10.88 10.19
CA ALA A 360 -9.92 -10.05 10.80
C ALA A 360 -10.93 -10.93 11.54
N ILE A 361 -11.46 -10.39 12.63
CA ILE A 361 -12.28 -11.13 13.58
C ILE A 361 -13.68 -10.56 13.51
N GLU A 362 -14.63 -11.37 13.04
CA GLU A 362 -16.04 -10.96 13.04
C GLU A 362 -16.48 -10.61 14.46
N ASP A 363 -17.24 -9.53 14.58
CA ASP A 363 -17.80 -9.13 15.87
C ASP A 363 -18.78 -7.99 15.73
N GLU A 364 -20.07 -8.27 16.00
CA GLU A 364 -21.09 -7.23 15.94
C GLU A 364 -20.74 -6.06 16.87
N ASP A 365 -20.00 -6.33 17.96
CA ASP A 365 -19.62 -5.33 18.94
C ASP A 365 -18.19 -4.82 18.76
N TYR A 366 -17.74 -4.73 17.50
CA TYR A 366 -16.33 -4.48 17.23
C TYR A 366 -15.87 -3.11 17.73
N LYS A 367 -16.71 -2.08 17.60
CA LYS A 367 -16.36 -0.75 18.06
C LYS A 367 -15.94 -0.79 19.52
N GLU A 368 -16.75 -1.40 20.38
CA GLU A 368 -16.49 -1.37 21.81
C GLU A 368 -15.41 -2.37 22.19
N VAL A 369 -15.34 -3.50 21.50
CA VAL A 369 -14.28 -4.46 21.78
C VAL A 369 -12.92 -3.83 21.44
N CYS A 370 -12.88 -3.08 20.33
CA CYS A 370 -11.64 -2.38 19.97
C CYS A 370 -11.25 -1.39 21.07
N LYS A 371 -12.22 -0.65 21.62
CA LYS A 371 -11.90 0.30 22.69
C LYS A 371 -11.46 -0.43 23.97
N LYS A 372 -12.08 -1.58 24.27
CA LYS A 372 -11.63 -2.37 25.42
C LYS A 372 -10.21 -2.90 25.19
N LEU A 373 -9.92 -3.34 23.98
CA LEU A 373 -8.57 -3.75 23.66
C LEU A 373 -7.59 -2.59 23.84
N ARG A 374 -7.97 -1.42 23.33
CA ARG A 374 -7.10 -0.25 23.42
C ARG A 374 -6.79 0.11 24.87
N ASP A 375 -7.80 0.01 25.75
CA ASP A 375 -7.56 0.28 27.18
C ASP A 375 -6.67 -0.77 27.84
N ARG A 376 -6.56 -1.96 27.27
CA ARG A 376 -5.62 -2.96 27.76
C ARG A 376 -4.31 -3.00 26.95
N GLY A 377 -4.05 -1.99 26.12
CA GLY A 377 -2.78 -1.91 25.42
C GLY A 377 -2.67 -2.69 24.13
N ILE A 378 -3.80 -3.08 23.54
CA ILE A 378 -3.83 -3.79 22.26
C ILE A 378 -4.53 -2.90 21.27
N TYR A 379 -3.83 -2.52 20.21
CA TYR A 379 -4.33 -1.58 19.21
C TYR A 379 -4.53 -2.31 17.90
N VAL A 380 -5.80 -2.48 17.54
CA VAL A 380 -6.18 -3.07 16.27
C VAL A 380 -6.88 -1.98 15.47
N SER A 381 -7.19 -2.30 14.22
CA SER A 381 -7.97 -1.40 13.37
C SER A 381 -9.33 -2.00 13.11
N VAL A 382 -10.26 -1.15 12.68
CA VAL A 382 -11.65 -1.50 12.45
C VAL A 382 -11.91 -1.52 10.96
N CYS A 383 -12.61 -2.55 10.49
CA CYS A 383 -12.95 -2.66 9.08
C CYS A 383 -14.16 -1.81 8.74
N ASN A 384 -14.32 -1.54 7.44
CA ASN A 384 -15.45 -0.79 6.90
C ASN A 384 -16.42 -1.66 6.13
N CYS A 385 -15.93 -2.64 5.39
CA CYS A 385 -16.79 -3.53 4.60
C CYS A 385 -17.42 -4.65 5.41
N VAL A 386 -17.06 -4.79 6.70
CA VAL A 386 -17.63 -5.83 7.55
C VAL A 386 -17.40 -5.41 8.99
N LYS A 387 -18.23 -5.93 9.89
CA LYS A 387 -18.13 -5.62 11.31
C LYS A 387 -17.04 -6.51 11.90
N ALA A 388 -15.81 -5.99 11.98
CA ALA A 388 -14.69 -6.83 12.41
C ALA A 388 -13.52 -5.99 12.88
N LEU A 389 -12.67 -6.64 13.66
CA LEU A 389 -11.35 -6.14 14.03
C LEU A 389 -10.30 -6.72 13.08
N ALA A 390 -9.42 -5.86 12.58
CA ALA A 390 -8.39 -6.27 11.62
C ALA A 390 -7.01 -6.24 12.27
N ILE A 391 -6.29 -7.35 12.14
CA ILE A 391 -4.91 -7.46 12.64
C ILE A 391 -3.99 -7.61 11.44
N VAL A 392 -2.93 -6.79 11.39
CA VAL A 392 -1.90 -6.90 10.36
C VAL A 392 -0.67 -7.52 11.01
N VAL A 393 -0.31 -8.73 10.58
CA VAL A 393 0.76 -9.49 11.25
C VAL A 393 2.05 -9.08 10.56
N MET A 394 2.54 -7.90 10.93
CA MET A 394 3.80 -7.39 10.42
C MET A 394 4.94 -8.13 11.11
N PRO A 395 6.18 -7.93 10.66
CA PRO A 395 7.30 -8.66 11.26
C PRO A 395 7.49 -8.40 12.72
N HIS A 396 6.95 -7.32 13.29
CA HIS A 396 7.15 -7.09 14.72
C HIS A 396 6.21 -7.94 15.59
N ILE A 397 5.19 -8.54 15.02
CA ILE A 397 4.28 -9.42 15.75
C ILE A 397 4.87 -10.83 15.84
N LYS A 398 5.17 -11.28 17.06
CA LYS A 398 5.74 -12.59 17.33
C LYS A 398 4.72 -13.49 18.05
N ARG A 399 5.04 -14.78 18.13
CA ARG A 399 4.10 -15.75 18.69
C ARG A 399 3.65 -15.34 20.08
N GLU A 400 4.56 -14.80 20.90
CA GLU A 400 4.16 -14.44 22.26
C GLU A 400 3.19 -13.27 22.27
N HIS A 401 3.30 -12.37 21.29
CA HIS A 401 2.35 -11.27 21.19
C HIS A 401 0.97 -11.79 20.82
N ILE A 402 0.93 -12.79 19.93
CA ILE A 402 -0.36 -13.38 19.56
C ILE A 402 -0.98 -14.10 20.76
N ASP A 403 -0.17 -14.83 21.52
CA ASP A 403 -0.68 -15.47 22.73
C ASP A 403 -1.28 -14.44 23.68
N ASN A 404 -0.53 -13.36 23.90
CA ASN A 404 -1.01 -12.30 24.80
C ASN A 404 -2.29 -11.68 24.28
N PHE A 405 -2.39 -11.49 22.95
CA PHE A 405 -3.61 -10.92 22.38
C PHE A 405 -4.81 -11.82 22.66
N ILE A 406 -4.67 -13.12 22.43
CA ILE A 406 -5.77 -14.07 22.65
C ILE A 406 -6.22 -14.07 24.13
N GLU A 407 -5.28 -14.03 25.07
CA GLU A 407 -5.65 -13.97 26.48
C GLU A 407 -6.46 -12.70 26.78
N ILE A 408 -5.98 -11.55 26.32
CA ILE A 408 -6.67 -10.31 26.63
C ILE A 408 -8.06 -10.30 26.01
N LEU A 409 -8.18 -10.82 24.79
CA LEU A 409 -9.49 -10.81 24.14
C LEU A 409 -10.45 -11.78 24.82
N ASN A 410 -9.98 -12.98 25.17
CA ASN A 410 -10.81 -13.92 25.92
C ASN A 410 -11.34 -13.27 27.18
N SER A 411 -10.43 -12.64 27.93
CA SER A 411 -10.83 -11.92 29.13
C SER A 411 -11.88 -10.87 28.83
N ILE A 412 -11.65 -10.04 27.81
CA ILE A 412 -12.65 -9.03 27.46
C ILE A 412 -14.00 -9.69 27.23
N LYS A 413 -14.00 -10.91 26.70
CA LYS A 413 -15.27 -11.55 26.39
C LYS A 413 -15.89 -12.21 27.62
N ARG A 414 -15.10 -12.71 28.56
CA ARG A 414 -15.64 -13.27 29.80
C ARG A 414 -16.67 -12.31 30.42
#